data_4ZYW
#
_entry.id   4ZYW
#
_cell.length_a   75.256
_cell.length_b   75.256
_cell.length_c   100.621
_cell.angle_alpha   90.000
_cell.angle_beta   90.000
_cell.angle_gamma   120.000
#
_symmetry.space_group_name_H-M   'P 32 2 1'
#
loop_
_entity.id
_entity.type
_entity.pdbx_description
1 polymer 'Trifunctional purine biosynthetic protein adenosine-3'
2 non-polymer 'GLYCINAMIDE RIBONUCLEOTIDE'
3 non-polymer 'N-({5-[3-(2-amino-4-oxo-4,7-dihydro-1H-pyrrolo[2,3-d]pyrimidin-6-yl)propyl]thiophen-2-yl}carbonyl)-L-glutamic acid'
4 water water
#
_entity_poly.entity_id   1
_entity_poly.type   'polypeptide(L)'
_entity_poly.pdbx_seq_one_letter_code
;MARVAVLISGTGSNLQALIDSTREPNSSAQIDIVISNKAAVAGLDKAERAGIPTRVINHKLYKNRVEFDSAIDLVLEEFS
IDIVCLAGFMRILSGPFVQKWNGKMLNIHPSLLPSFKGSNAHEQALETGVTVTGCTVHFVAEDVDAGQIILQEAVPVKRG
DTVATLSERVKLAEHKIFPAALQLVASGTVQLGENGKICWVKEEHHHHHH
;
_entity_poly.pdbx_strand_id   A
#
loop_
_chem_comp.id
_chem_comp.type
_chem_comp.name
_chem_comp.formula
G94 non-polymer 'N-({5-[3-(2-amino-4-oxo-4,7-dihydro-1H-pyrrolo[2,3-d]pyrimidin-6-yl)propyl]thiophen-2-yl}carbonyl)-L-glutamic acid' 'C19 H21 N5 O6 S'
GAR non-polymer 'GLYCINAMIDE RIBONUCLEOTIDE' 'C7 H13 N2 O8 P -2'
#
# COMPACT_ATOMS: atom_id res chain seq x y z
N ALA A 2 -1.91 -17.07 0.54
CA ALA A 2 -2.16 -16.02 1.50
C ALA A 2 -3.34 -15.19 1.04
N ARG A 3 -4.20 -14.84 1.98
CA ARG A 3 -5.42 -14.11 1.69
C ARG A 3 -5.18 -12.62 1.94
N VAL A 4 -5.47 -11.80 0.93
CA VAL A 4 -5.08 -10.40 0.96
C VAL A 4 -6.28 -9.45 0.94
N ALA A 5 -6.20 -8.43 1.79
CA ALA A 5 -7.07 -7.26 1.71
C ALA A 5 -6.30 -6.08 1.09
N VAL A 6 -6.92 -5.38 0.14
CA VAL A 6 -6.32 -4.17 -0.39
C VAL A 6 -7.16 -2.97 0.06
N LEU A 7 -6.50 -2.01 0.70
CA LEU A 7 -7.17 -0.79 1.15
C LEU A 7 -6.82 0.36 0.20
N ILE A 8 -7.83 1.13 -0.20
CA ILE A 8 -7.65 2.21 -1.17
C ILE A 8 -8.33 3.48 -0.69
N SER A 9 -8.01 4.61 -1.34
CA SER A 9 -8.72 5.86 -1.13
C SER A 9 -9.12 6.57 -2.43
N GLY A 10 -8.71 6.03 -3.57
CA GLY A 10 -8.95 6.72 -4.83
C GLY A 10 -8.91 5.90 -6.11
N THR A 11 -8.06 6.34 -7.05
CA THR A 11 -8.05 5.81 -8.42
C THR A 11 -7.89 4.29 -8.48
N GLY A 12 -6.90 3.76 -7.76
CA GLY A 12 -6.70 2.32 -7.71
C GLY A 12 -5.86 1.72 -8.82
N SER A 13 -4.91 2.48 -9.37
CA SER A 13 -4.02 1.88 -10.37
C SER A 13 -3.11 0.83 -9.71
N ASN A 14 -2.69 1.07 -8.47
CA ASN A 14 -1.90 0.05 -7.77
C ASN A 14 -2.73 -1.19 -7.47
N LEU A 15 -3.99 -1.00 -7.05
CA LEU A 15 -4.92 -2.12 -6.90
C LEU A 15 -5.03 -2.95 -8.18
N GLN A 16 -5.19 -2.27 -9.32
CA GLN A 16 -5.32 -2.97 -10.60
C GLN A 16 -4.06 -3.80 -10.88
N ALA A 17 -2.88 -3.23 -10.60
CA ALA A 17 -1.63 -3.97 -10.83
C ALA A 17 -1.58 -5.21 -9.94
N LEU A 18 -2.09 -5.10 -8.71
CA LEU A 18 -2.11 -6.22 -7.78
C LEU A 18 -3.12 -7.28 -8.22
N ILE A 19 -4.28 -6.84 -8.73
CA ILE A 19 -5.27 -7.77 -9.24
C ILE A 19 -4.66 -8.58 -10.38
N ASP A 20 -4.06 -7.88 -11.36
CA ASP A 20 -3.41 -8.55 -12.49
C ASP A 20 -2.33 -9.55 -12.02
N SER A 21 -1.44 -9.15 -11.10
CA SER A 21 -0.37 -10.06 -10.68
C SER A 21 -0.90 -11.28 -9.91
N THR A 22 -1.89 -11.07 -9.04
CA THR A 22 -2.34 -12.18 -8.18
C THR A 22 -3.19 -13.19 -8.93
N ARG A 23 -3.46 -12.93 -10.19
CA ARG A 23 -4.20 -13.89 -10.99
C ARG A 23 -3.32 -14.71 -11.92
N GLU A 24 -2.03 -14.40 -11.95
CA GLU A 24 -1.03 -15.27 -12.59
C GLU A 24 -1.05 -16.62 -11.88
N PRO A 25 -0.89 -17.71 -12.65
CA PRO A 25 -0.97 -19.05 -12.05
C PRO A 25 -0.04 -19.22 -10.85
N ASN A 26 1.15 -18.63 -10.89
CA ASN A 26 2.12 -18.87 -9.82
C ASN A 26 2.00 -17.92 -8.63
N SER A 27 0.97 -17.07 -8.64
CA SER A 27 0.79 -16.15 -7.52
C SER A 27 0.50 -16.87 -6.18
N SER A 28 1.22 -16.46 -5.13
CA SER A 28 1.02 -16.98 -3.78
C SER A 28 -0.01 -16.14 -3.01
N ALA A 29 -0.55 -15.12 -3.66
CA ALA A 29 -1.52 -14.26 -3.03
C ALA A 29 -2.85 -14.28 -3.77
N GLN A 30 -3.93 -14.12 -3.03
CA GLN A 30 -5.26 -13.96 -3.62
C GLN A 30 -5.93 -12.74 -2.96
N ILE A 31 -6.56 -11.87 -3.74
CA ILE A 31 -7.21 -10.70 -3.16
C ILE A 31 -8.65 -11.03 -2.88
N ASP A 32 -9.04 -11.01 -1.61
CA ASP A 32 -10.37 -11.46 -1.21
C ASP A 32 -11.31 -10.33 -0.84
N ILE A 33 -10.76 -9.13 -0.64
CA ILE A 33 -11.59 -8.00 -0.27
C ILE A 33 -10.89 -6.68 -0.57
N VAL A 34 -11.65 -5.70 -1.07
CA VAL A 34 -11.12 -4.35 -1.27
C VAL A 34 -11.88 -3.38 -0.37
N ILE A 35 -11.14 -2.60 0.41
CA ILE A 35 -11.79 -1.66 1.34
C ILE A 35 -11.41 -0.24 0.99
N SER A 36 -12.40 0.65 0.90
CA SER A 36 -12.14 2.05 0.65
C SER A 36 -12.68 2.90 1.79
N ASN A 37 -12.01 4.01 2.08
CA ASN A 37 -12.51 4.93 3.10
C ASN A 37 -13.27 6.09 2.46
N LYS A 38 -13.32 6.07 1.13
CA LYS A 38 -14.01 7.10 0.35
C LYS A 38 -14.92 6.43 -0.69
N ALA A 39 -16.16 6.91 -0.77
CA ALA A 39 -17.15 6.32 -1.66
C ALA A 39 -16.99 6.84 -3.09
N ALA A 40 -17.52 6.08 -4.05
CA ALA A 40 -17.55 6.47 -5.45
C ALA A 40 -16.18 6.74 -6.06
N VAL A 41 -15.13 6.08 -5.55
CA VAL A 41 -13.82 6.22 -6.15
C VAL A 41 -13.57 5.13 -7.18
N ALA A 42 -12.72 5.43 -8.16
CA ALA A 42 -12.49 4.57 -9.32
C ALA A 42 -11.94 3.17 -8.95
N GLY A 43 -11.18 3.09 -7.87
CA GLY A 43 -10.69 1.81 -7.36
C GLY A 43 -11.81 0.81 -7.04
N LEU A 44 -12.96 1.31 -6.62
CA LEU A 44 -14.11 0.44 -6.34
C LEU A 44 -14.66 -0.18 -7.63
N ASP A 45 -14.69 0.61 -8.70
CA ASP A 45 -15.14 0.14 -10.00
C ASP A 45 -14.22 -0.98 -10.51
N LYS A 46 -12.92 -0.78 -10.29
CA LYS A 46 -11.92 -1.74 -10.74
C LYS A 46 -12.09 -3.07 -10.02
N ALA A 47 -12.40 -3.00 -8.72
CA ALA A 47 -12.57 -4.20 -7.92
C ALA A 47 -13.84 -4.95 -8.33
N GLU A 48 -14.94 -4.23 -8.44
CA GLU A 48 -16.21 -4.85 -8.80
C GLU A 48 -16.12 -5.45 -10.20
N ARG A 49 -15.42 -4.76 -11.10
CA ARG A 49 -15.24 -5.26 -12.45
C ARG A 49 -14.44 -6.57 -12.44
N ALA A 50 -13.56 -6.72 -11.46
CA ALA A 50 -12.75 -7.93 -11.33
C ALA A 50 -13.44 -9.00 -10.48
N GLY A 51 -14.63 -8.71 -9.99
CA GLY A 51 -15.39 -9.68 -9.22
C GLY A 51 -14.92 -9.81 -7.79
N ILE A 52 -14.26 -8.79 -7.28
CA ILE A 52 -13.82 -8.77 -5.89
C ILE A 52 -14.79 -7.97 -5.01
N PRO A 53 -15.21 -8.56 -3.88
CA PRO A 53 -16.05 -7.85 -2.90
C PRO A 53 -15.44 -6.53 -2.43
N THR A 54 -16.31 -5.55 -2.18
CA THR A 54 -15.86 -4.23 -1.72
C THR A 54 -16.64 -3.81 -0.48
N ARG A 55 -16.00 -3.01 0.36
N ARG A 55 -16.00 -3.01 0.36
CA ARG A 55 -16.66 -2.39 1.51
CA ARG A 55 -16.65 -2.39 1.51
C ARG A 55 -16.17 -0.97 1.66
C ARG A 55 -16.16 -0.96 1.65
N VAL A 56 -17.10 -0.04 1.90
CA VAL A 56 -16.72 1.34 2.18
C VAL A 56 -16.83 1.60 3.68
N ILE A 57 -15.72 2.02 4.28
CA ILE A 57 -15.73 2.40 5.69
C ILE A 57 -15.32 3.86 5.78
N ASN A 58 -16.33 4.72 5.86
CA ASN A 58 -16.13 6.16 5.94
C ASN A 58 -15.58 6.61 7.30
N HIS A 59 -14.30 6.99 7.33
CA HIS A 59 -13.66 7.44 8.56
C HIS A 59 -14.39 8.61 9.22
N LYS A 60 -15.14 9.36 8.42
CA LYS A 60 -15.88 10.53 8.90
C LYS A 60 -17.03 10.14 9.83
N LEU A 61 -17.41 8.87 9.83
CA LEU A 61 -18.58 8.42 10.57
C LEU A 61 -18.20 7.82 11.93
N TYR A 62 -16.90 7.83 12.24
CA TYR A 62 -16.42 7.27 13.50
C TYR A 62 -15.87 8.39 14.38
N LYS A 63 -15.91 8.19 15.69
CA LYS A 63 -15.56 9.26 16.62
C LYS A 63 -14.06 9.49 16.67
N ASN A 64 -13.28 8.42 16.52
CA ASN A 64 -11.84 8.55 16.55
C ASN A 64 -11.15 7.55 15.63
N ARG A 65 -9.83 7.50 15.71
N ARG A 65 -9.83 7.49 15.73
CA ARG A 65 -9.03 6.64 14.85
CA ARG A 65 -9.03 6.65 14.85
C ARG A 65 -9.21 5.16 15.20
C ARG A 65 -9.18 5.16 15.20
N VAL A 66 -9.19 4.85 16.49
CA VAL A 66 -9.28 3.46 16.95
C VAL A 66 -10.60 2.77 16.55
N GLU A 67 -11.71 3.49 16.66
CA GLU A 67 -13.00 2.94 16.26
C GLU A 67 -13.04 2.65 14.76
N PHE A 68 -12.53 3.60 13.99
CA PHE A 68 -12.40 3.44 12.54
C PHE A 68 -11.61 2.18 12.20
N ASP A 69 -10.43 2.03 12.80
CA ASP A 69 -9.57 0.88 12.55
C ASP A 69 -10.26 -0.44 12.93
N SER A 70 -10.99 -0.43 14.05
CA SER A 70 -11.73 -1.62 14.49
C SER A 70 -12.74 -2.06 13.46
N ALA A 71 -13.37 -1.10 12.79
CA ALA A 71 -14.34 -1.40 11.76
C ALA A 71 -13.62 -2.08 10.59
N ILE A 72 -12.43 -1.59 10.28
CA ILE A 72 -11.60 -2.23 9.26
C ILE A 72 -11.23 -3.64 9.68
N ASP A 73 -10.71 -3.77 10.90
CA ASP A 73 -10.28 -5.05 11.45
C ASP A 73 -11.41 -6.10 11.40
N LEU A 74 -12.63 -5.67 11.73
CA LEU A 74 -13.78 -6.55 11.72
C LEU A 74 -13.94 -7.22 10.35
N VAL A 75 -13.81 -6.43 9.29
CA VAL A 75 -13.93 -6.94 7.93
C VAL A 75 -12.75 -7.86 7.61
N LEU A 76 -11.57 -7.46 8.06
CA LEU A 76 -10.37 -8.26 7.87
C LEU A 76 -10.58 -9.66 8.46
N GLU A 77 -11.19 -9.73 9.65
CA GLU A 77 -11.47 -11.01 10.29
C GLU A 77 -12.56 -11.79 9.58
N GLU A 78 -13.59 -11.07 9.14
CA GLU A 78 -14.69 -11.67 8.37
C GLU A 78 -14.14 -12.48 7.18
N PHE A 79 -13.16 -11.92 6.48
CA PHE A 79 -12.63 -12.55 5.28
C PHE A 79 -11.35 -13.35 5.53
N SER A 80 -11.07 -13.62 6.81
CA SER A 80 -9.89 -14.41 7.21
C SER A 80 -8.59 -13.96 6.53
N ILE A 81 -8.33 -12.67 6.56
CA ILE A 81 -7.21 -12.07 5.84
C ILE A 81 -5.87 -12.36 6.53
N ASP A 82 -4.87 -12.70 5.70
CA ASP A 82 -3.48 -12.91 6.13
C ASP A 82 -2.58 -11.68 5.95
N ILE A 83 -2.80 -10.97 4.85
CA ILE A 83 -1.94 -9.85 4.48
C ILE A 83 -2.78 -8.63 4.08
N VAL A 84 -2.37 -7.46 4.54
CA VAL A 84 -3.03 -6.20 4.17
C VAL A 84 -2.12 -5.34 3.31
N CYS A 85 -2.60 -4.93 2.13
CA CYS A 85 -1.90 -3.96 1.29
C CYS A 85 -2.57 -2.57 1.30
N LEU A 86 -1.81 -1.54 1.68
CA LEU A 86 -2.29 -0.16 1.58
C LEU A 86 -1.91 0.37 0.19
N ALA A 87 -2.91 0.62 -0.65
CA ALA A 87 -2.69 0.96 -2.05
C ALA A 87 -3.36 2.27 -2.40
N GLY A 88 -2.68 3.38 -2.10
CA GLY A 88 -3.28 4.69 -2.24
C GLY A 88 -4.22 4.99 -1.09
N PHE A 89 -4.08 4.23 0.00
CA PHE A 89 -4.87 4.45 1.21
C PHE A 89 -4.29 5.62 1.98
N MET A 90 -5.02 6.70 2.10
CA MET A 90 -4.45 7.91 2.70
C MET A 90 -4.94 8.17 4.11
N ARG A 91 -4.90 7.17 4.99
CA ARG A 91 -5.17 7.41 6.40
C ARG A 91 -4.03 6.85 7.25
N ILE A 92 -3.74 7.51 8.36
CA ILE A 92 -2.76 7.02 9.31
C ILE A 92 -3.43 6.02 10.26
N LEU A 93 -2.87 4.82 10.39
CA LEU A 93 -3.44 3.78 11.24
C LEU A 93 -2.96 3.87 12.69
N SER A 94 -3.80 3.44 13.64
CA SER A 94 -3.46 3.49 15.05
C SER A 94 -2.46 2.42 15.47
N GLY A 95 -1.79 2.70 16.59
CA GLY A 95 -0.80 1.80 17.17
C GLY A 95 -1.23 0.35 17.33
N PRO A 96 -2.33 0.10 18.06
CA PRO A 96 -2.74 -1.29 18.27
C PRO A 96 -3.10 -2.01 16.97
N PHE A 97 -3.73 -1.31 16.04
CA PHE A 97 -4.04 -1.92 14.76
C PHE A 97 -2.75 -2.31 14.04
N VAL A 98 -1.79 -1.40 14.01
CA VAL A 98 -0.50 -1.68 13.37
C VAL A 98 0.21 -2.83 14.06
N GLN A 99 0.16 -2.85 15.40
CA GLN A 99 0.81 -3.91 16.16
C GLN A 99 0.20 -5.27 15.85
N LYS A 100 -1.13 -5.35 15.76
CA LYS A 100 -1.78 -6.62 15.46
C LYS A 100 -1.34 -7.17 14.10
N TRP A 101 -1.21 -6.28 13.12
CA TRP A 101 -0.89 -6.70 11.77
C TRP A 101 0.60 -6.59 11.49
N ASN A 102 1.37 -6.46 12.57
CA ASN A 102 2.81 -6.35 12.43
C ASN A 102 3.38 -7.49 11.61
N GLY A 103 4.12 -7.16 10.56
CA GLY A 103 4.71 -8.16 9.72
C GLY A 103 3.75 -8.68 8.67
N LYS A 104 2.54 -8.13 8.63
CA LYS A 104 1.50 -8.61 7.72
C LYS A 104 0.88 -7.49 6.88
N MET A 105 1.36 -6.27 7.04
CA MET A 105 0.76 -5.14 6.34
C MET A 105 1.81 -4.35 5.57
N LEU A 106 1.53 -4.12 4.28
CA LEU A 106 2.46 -3.47 3.37
C LEU A 106 1.90 -2.14 2.87
N ASN A 107 2.78 -1.18 2.61
CA ASN A 107 2.39 0.10 2.06
C ASN A 107 3.28 0.46 0.87
N ILE A 108 2.71 1.06 -0.17
CA ILE A 108 3.51 1.67 -1.25
C ILE A 108 3.60 3.19 -1.02
N HIS A 109 4.80 3.72 -1.20
CA HIS A 109 5.06 5.14 -0.98
C HIS A 109 5.89 5.67 -2.15
N PRO A 110 5.46 6.81 -2.74
CA PRO A 110 6.08 7.32 -3.99
C PRO A 110 7.31 8.18 -3.74
N SER A 111 8.22 7.70 -2.89
CA SER A 111 9.56 8.28 -2.84
C SER A 111 10.54 7.16 -2.53
N LEU A 112 11.83 7.48 -2.61
CA LEU A 112 12.83 6.58 -2.07
C LEU A 112 13.00 6.88 -0.58
N LEU A 113 12.27 6.15 0.25
CA LEU A 113 12.38 6.36 1.70
C LEU A 113 13.83 6.07 2.08
N PRO A 114 14.37 6.79 3.07
CA PRO A 114 13.64 7.66 4.00
C PRO A 114 13.42 9.11 3.51
N SER A 115 13.74 9.43 2.26
CA SER A 115 13.46 10.78 1.76
C SER A 115 11.97 11.01 1.57
N PHE A 116 11.53 12.24 1.86
CA PHE A 116 10.19 12.71 1.47
C PHE A 116 9.06 11.85 2.01
N LYS A 117 9.01 11.71 3.33
CA LYS A 117 7.89 11.04 3.97
C LYS A 117 6.65 11.93 3.88
N GLY A 118 5.46 11.34 4.01
CA GLY A 118 4.25 12.13 4.08
C GLY A 118 3.36 12.02 2.85
N SER A 119 2.35 12.88 2.76
CA SER A 119 1.33 12.72 1.73
C SER A 119 1.61 13.43 0.41
N ASN A 120 2.65 14.26 0.38
CA ASN A 120 2.98 15.03 -0.82
C ASN A 120 4.42 14.81 -1.27
N ALA A 121 4.80 13.54 -1.40
CA ALA A 121 6.18 13.21 -1.67
C ALA A 121 6.69 13.87 -2.95
N HIS A 122 5.86 13.86 -4.00
CA HIS A 122 6.29 14.42 -5.29
C HIS A 122 6.55 15.93 -5.20
N GLU A 123 5.69 16.66 -4.50
CA GLU A 123 5.89 18.09 -4.28
C GLU A 123 7.24 18.32 -3.60
N GLN A 124 7.51 17.53 -2.57
CA GLN A 124 8.75 17.64 -1.83
C GLN A 124 9.95 17.36 -2.73
N ALA A 125 9.87 16.29 -3.52
CA ALA A 125 10.98 15.93 -4.39
C ALA A 125 11.28 17.05 -5.40
N LEU A 126 10.24 17.62 -5.99
CA LEU A 126 10.40 18.70 -6.97
C LEU A 126 10.94 19.95 -6.31
N GLU A 127 10.39 20.29 -5.14
CA GLU A 127 10.85 21.45 -4.39
C GLU A 127 12.33 21.30 -4.04
N THR A 128 12.72 20.09 -3.64
CA THR A 128 14.10 19.84 -3.22
C THR A 128 15.04 19.85 -4.41
N GLY A 129 14.55 19.42 -5.56
CA GLY A 129 15.35 19.46 -6.78
C GLY A 129 16.17 18.20 -7.02
N VAL A 130 15.75 17.06 -6.48
CA VAL A 130 16.47 15.81 -6.75
C VAL A 130 16.34 15.49 -8.23
N THR A 131 17.31 14.77 -8.80
CA THR A 131 17.20 14.30 -10.18
C THR A 131 16.83 12.82 -10.24
N VAL A 132 16.88 12.16 -9.08
CA VAL A 132 16.42 10.79 -8.94
C VAL A 132 15.42 10.69 -7.80
N THR A 133 14.22 10.16 -8.09
CA THR A 133 13.28 9.84 -7.01
C THR A 133 12.95 8.36 -7.19
N GLY A 134 11.76 7.93 -6.80
CA GLY A 134 11.42 6.52 -6.93
C GLY A 134 10.25 6.17 -6.02
N CYS A 135 10.08 4.88 -5.71
CA CYS A 135 8.99 4.43 -4.86
C CYS A 135 9.48 3.30 -3.95
N THR A 136 8.74 3.07 -2.87
CA THR A 136 9.15 2.17 -1.82
C THR A 136 7.97 1.32 -1.35
N VAL A 137 8.16 0.00 -1.29
CA VAL A 137 7.23 -0.83 -0.53
C VAL A 137 7.86 -1.18 0.79
N HIS A 138 7.12 -0.98 1.88
CA HIS A 138 7.64 -1.27 3.20
C HIS A 138 6.58 -1.89 4.08
N PHE A 139 7.02 -2.63 5.11
CA PHE A 139 6.12 -3.02 6.18
C PHE A 139 5.65 -1.79 6.95
N VAL A 140 4.40 -1.80 7.36
CA VAL A 140 3.84 -0.67 8.09
C VAL A 140 4.16 -0.81 9.58
N ALA A 141 4.90 0.16 10.10
CA ALA A 141 5.16 0.28 11.52
C ALA A 141 4.36 1.48 12.04
N GLU A 142 4.42 1.72 13.34
CA GLU A 142 3.61 2.78 13.94
C GLU A 142 4.04 4.15 13.40
N ASP A 143 5.35 4.40 13.41
N ASP A 143 5.33 4.44 13.44
CA ASP A 143 5.90 5.62 12.81
CA ASP A 143 5.84 5.66 12.82
C ASP A 143 5.69 5.61 11.29
C ASP A 143 5.65 5.60 11.31
N VAL A 144 4.96 6.61 10.78
CA VAL A 144 4.58 6.64 9.38
C VAL A 144 5.80 6.64 8.43
N ASP A 145 5.76 5.74 7.44
CA ASP A 145 6.78 5.64 6.39
C ASP A 145 8.16 5.31 6.96
N ALA A 146 8.20 4.65 8.11
CA ALA A 146 9.46 4.31 8.77
C ALA A 146 9.65 2.80 8.96
N GLY A 147 8.65 2.00 8.60
CA GLY A 147 8.76 0.55 8.71
C GLY A 147 9.79 -0.07 7.77
N GLN A 148 10.05 -1.36 7.93
CA GLN A 148 11.11 -2.04 7.19
C GLN A 148 10.87 -2.15 5.67
N ILE A 149 11.88 -1.71 4.92
CA ILE A 149 11.80 -1.64 3.47
C ILE A 149 11.92 -3.03 2.83
N ILE A 150 11.03 -3.31 1.89
CA ILE A 150 11.03 -4.58 1.19
C ILE A 150 11.65 -4.43 -0.20
N LEU A 151 11.09 -3.53 -1.01
CA LEU A 151 11.63 -3.24 -2.35
C LEU A 151 11.59 -1.76 -2.61
N GLN A 152 12.49 -1.29 -3.45
CA GLN A 152 12.44 0.07 -3.97
C GLN A 152 12.81 0.06 -5.45
N GLU A 153 12.36 1.07 -6.18
CA GLU A 153 12.83 1.28 -7.54
C GLU A 153 13.06 2.76 -7.80
N ALA A 154 14.21 3.10 -8.34
CA ALA A 154 14.53 4.48 -8.66
C ALA A 154 13.88 4.93 -9.97
N VAL A 155 13.51 6.21 -10.03
CA VAL A 155 12.87 6.79 -11.20
C VAL A 155 13.46 8.18 -11.45
N PRO A 156 13.87 8.47 -12.69
CA PRO A 156 14.50 9.79 -12.91
C PRO A 156 13.50 10.94 -12.85
N VAL A 157 13.95 12.10 -12.39
CA VAL A 157 13.16 13.33 -12.52
C VAL A 157 13.64 14.05 -13.78
N LYS A 158 12.71 14.40 -14.68
CA LYS A 158 13.07 15.17 -15.88
C LYS A 158 12.90 16.65 -15.62
N ARG A 159 13.78 17.46 -16.22
N ARG A 159 13.76 17.47 -16.21
CA ARG A 159 13.62 18.91 -16.23
CA ARG A 159 13.64 18.91 -16.05
C ARG A 159 12.21 19.26 -16.62
C ARG A 159 12.32 19.37 -16.65
N GLY A 160 11.58 20.17 -15.88
CA GLY A 160 10.26 20.61 -16.27
C GLY A 160 9.17 19.70 -15.71
N ASP A 161 9.55 18.63 -15.02
CA ASP A 161 8.53 17.74 -14.43
C ASP A 161 7.54 18.49 -13.54
N THR A 162 6.30 18.02 -13.51
CA THR A 162 5.36 18.49 -12.53
C THR A 162 4.92 17.29 -11.70
N VAL A 163 4.07 17.51 -10.70
CA VAL A 163 3.49 16.39 -9.96
C VAL A 163 2.77 15.44 -10.94
N ALA A 164 2.05 16.01 -11.91
CA ALA A 164 1.37 15.17 -12.91
C ALA A 164 2.33 14.25 -13.66
N THR A 165 3.39 14.80 -14.24
CA THR A 165 4.28 13.99 -15.09
C THR A 165 5.21 13.10 -14.26
N LEU A 166 5.66 13.60 -13.12
CA LEU A 166 6.51 12.76 -12.26
C LEU A 166 5.73 11.60 -11.64
N SER A 167 4.52 11.85 -11.16
CA SER A 167 3.76 10.77 -10.52
C SER A 167 3.36 9.69 -11.53
N GLU A 168 3.15 10.10 -12.78
CA GLU A 168 2.85 9.14 -13.84
C GLU A 168 4.04 8.21 -14.06
N ARG A 169 5.25 8.76 -14.11
CA ARG A 169 6.45 7.96 -14.31
C ARG A 169 6.69 7.05 -13.10
N VAL A 170 6.55 7.59 -11.90
CA VAL A 170 6.77 6.79 -10.69
C VAL A 170 5.69 5.67 -10.53
N LYS A 171 4.46 5.93 -10.96
CA LYS A 171 3.42 4.88 -10.89
C LYS A 171 3.80 3.65 -11.74
N LEU A 172 4.50 3.85 -12.85
CA LEU A 172 4.93 2.70 -13.65
C LEU A 172 5.85 1.80 -12.81
N ALA A 173 6.67 2.40 -11.97
CA ALA A 173 7.54 1.60 -11.11
C ALA A 173 6.76 1.00 -9.94
N GLU A 174 5.83 1.76 -9.39
CA GLU A 174 4.99 1.26 -8.31
C GLU A 174 4.29 -0.03 -8.70
N HIS A 175 3.82 -0.07 -9.94
CA HIS A 175 3.02 -1.19 -10.42
C HIS A 175 3.89 -2.41 -10.66
N LYS A 176 5.21 -2.22 -10.64
CA LYS A 176 6.15 -3.33 -10.71
C LYS A 176 6.52 -3.81 -9.32
N ILE A 177 6.96 -2.91 -8.45
CA ILE A 177 7.46 -3.42 -7.16
C ILE A 177 6.37 -3.78 -6.15
N PHE A 178 5.19 -3.14 -6.17
CA PHE A 178 4.15 -3.57 -5.20
C PHE A 178 3.79 -5.05 -5.42
N PRO A 179 3.44 -5.46 -6.67
CA PRO A 179 3.18 -6.89 -6.87
C PRO A 179 4.37 -7.80 -6.54
N ALA A 180 5.58 -7.36 -6.87
CA ALA A 180 6.75 -8.19 -6.57
C ALA A 180 6.88 -8.38 -5.04
N ALA A 181 6.68 -7.29 -4.28
CA ALA A 181 6.80 -7.31 -2.84
C ALA A 181 5.72 -8.17 -2.21
N LEU A 182 4.49 -8.03 -2.73
CA LEU A 182 3.39 -8.84 -2.21
C LEU A 182 3.70 -10.33 -2.41
N GLN A 183 4.21 -10.68 -3.59
CA GLN A 183 4.56 -12.08 -3.88
C GLN A 183 5.66 -12.57 -2.92
N LEU A 184 6.64 -11.71 -2.63
CA LEU A 184 7.72 -12.09 -1.71
C LEU A 184 7.20 -12.40 -0.31
N VAL A 185 6.27 -11.58 0.18
CA VAL A 185 5.74 -11.77 1.53
C VAL A 185 4.74 -12.94 1.55
N ALA A 186 3.90 -13.02 0.51
CA ALA A 186 2.91 -14.08 0.47
C ALA A 186 3.52 -15.48 0.29
N SER A 187 4.67 -15.56 -0.38
N SER A 187 4.67 -15.55 -0.37
CA SER A 187 5.33 -16.85 -0.58
CA SER A 187 5.36 -16.82 -0.59
C SER A 187 6.12 -17.24 0.67
C SER A 187 6.16 -17.21 0.64
N GLY A 188 6.27 -16.30 1.60
CA GLY A 188 7.08 -16.53 2.78
C GLY A 188 8.57 -16.34 2.50
N THR A 189 8.88 -15.74 1.35
CA THR A 189 10.27 -15.53 0.95
C THR A 189 10.91 -14.43 1.80
N VAL A 190 10.11 -13.42 2.09
CA VAL A 190 10.54 -12.32 2.93
C VAL A 190 9.62 -12.22 4.14
N GLN A 191 10.19 -12.00 5.32
CA GLN A 191 9.39 -11.74 6.49
C GLN A 191 10.04 -10.70 7.38
N LEU A 192 9.24 -10.11 8.26
CA LEU A 192 9.75 -9.26 9.31
C LEU A 192 10.47 -10.15 10.32
N GLY A 193 11.77 -9.92 10.52
CA GLY A 193 12.54 -10.75 11.42
C GLY A 193 12.23 -10.49 12.89
N GLU A 194 12.58 -11.46 13.74
CA GLU A 194 12.37 -11.37 15.19
C GLU A 194 13.02 -10.12 15.79
N ASN A 195 14.11 -9.68 15.15
CA ASN A 195 14.81 -8.45 15.55
C ASN A 195 14.23 -7.23 14.86
N GLY A 196 13.11 -7.42 14.17
CA GLY A 196 12.42 -6.32 13.53
C GLY A 196 12.95 -5.97 12.15
N LYS A 197 14.16 -6.41 11.82
CA LYS A 197 14.76 -6.13 10.52
C LYS A 197 14.27 -7.14 9.47
N ILE A 198 14.43 -6.80 8.19
CA ILE A 198 13.93 -7.63 7.10
C ILE A 198 14.69 -8.98 6.99
N CYS A 199 13.97 -10.08 6.84
CA CYS A 199 14.58 -11.41 6.75
C CYS A 199 14.27 -12.08 5.41
N TRP A 200 15.31 -12.39 4.64
CA TRP A 200 15.14 -13.17 3.41
C TRP A 200 15.47 -14.62 3.69
N VAL A 201 14.44 -15.46 3.79
CA VAL A 201 14.62 -16.88 4.02
C VAL A 201 15.32 -17.61 2.87
C1 GAR B . 0.31 6.23 -5.47
O6 GAR B . 1.28 7.05 -6.17
C2 GAR B . 0.87 5.89 -4.09
O8 GAR B . 2.28 5.67 -4.06
C3 GAR B . 0.48 7.11 -3.27
O4 GAR B . -0.81 7.46 -3.77
C5 GAR B . -0.94 7.03 -5.14
C10 GAR B . -2.22 6.21 -5.29
O12 GAR B . -2.52 5.95 -6.67
N19 GAR B . 0.46 6.80 -1.85
C21 GAR B . 0.87 7.68 -0.93
O22 GAR B . 1.21 8.83 -1.20
C23 GAR B . 0.90 7.15 0.49
N24 GAR B . 1.18 8.20 1.46
P15 GAR B . -3.55 4.76 -7.10
O16 GAR B . -2.87 3.49 -6.59
O17 GAR B . -3.67 4.87 -8.60
O18 GAR B . -4.86 5.05 -6.38
N1 G94 C . -0.03 4.39 9.20
C2 G94 C . 0.97 4.06 10.01
N3 G94 C . 2.21 3.81 9.53
C4 G94 C . 2.50 3.91 8.22
N5 G94 C . -0.69 4.83 6.90
C6 G94 C . -0.06 4.84 5.73
C7 G94 C . 1.30 4.48 5.92
C8 G94 C . 1.45 4.27 7.33
C9 G94 C . 0.15 4.51 7.87
O10 G94 C . 3.83 3.66 7.77
N11 G94 C . 0.75 3.93 11.38
S12 G94 C . -1.83 9.74 4.99
C13 G94 C . -1.39 11.37 5.26
C14 G94 C . 0.02 11.34 5.45
C15 G94 C . 0.63 10.03 5.38
C16 G94 C . -0.31 9.00 5.12
C17 G94 C . -2.14 12.74 5.30
O18 G94 C . -1.44 13.74 5.54
N19 G94 C . -3.54 13.06 5.08
C20 G94 C . -4.66 12.21 4.79
C21 G94 C . -5.63 12.39 5.91
C22 G94 C . -5.84 11.14 6.75
C23 G94 C . -4.81 10.92 7.88
O24 G94 C . -5.08 10.12 8.86
O25 G94 C . -3.64 11.52 7.84
C26 G94 C . -5.34 12.69 3.50
O27 G94 C . -4.86 12.37 2.33
O28 G94 C . -6.40 13.40 3.58
C29 G94 C . -0.73 5.18 4.37
C30 G94 C . -0.94 6.73 4.18
C31 G94 C . 0.07 7.54 5.00
#